data_5M6L
#
_entry.id   5M6L
#
_cell.length_a   71.388
_cell.length_b   71.388
_cell.length_c   105.817
_cell.angle_alpha   90.00
_cell.angle_beta   90.00
_cell.angle_gamma   90.00
#
_symmetry.space_group_name_H-M   'P 41 2 2'
#
loop_
_entity.id
_entity.type
_entity.pdbx_description
1 polymer 'E3 ubiquitin-protein ligase XIAP'
2 non-polymer 'ZINC ION'
3 non-polymer 'SODIUM ION'
4 non-polymer 1-[6-[(4-fluorophenyl)methyl]-3,3-dimethyl-2~{H}-pyrrolo[3,2-b]pyridin-1-yl]-2-[(2~{R},5~{R})-5-methyl-2-[[(3~{R})-3-methylmorpholin-4-yl]methyl]piperazin-4-ium-1-yl]ethanone
5 water water
#
_entity_poly.entity_id   1
_entity_poly.type   'polypeptide(L)'
_entity_poly.pdbx_seq_one_letter_code
;MGSSHHHHHHSSGLVPRGSHMNFPNSTNLPRNPSMADYEARIFTFGTWIYSVNKEQLARAGFYALGEGDKVKCFHCGGGL
TDWKPSEDPWEQHAKWYPGCKYLLEQKGQEYINNIHLTHSLEECLVR
;
_entity_poly.pdbx_strand_id   A
#
loop_
_chem_comp.id
_chem_comp.type
_chem_comp.name
_chem_comp.formula
7H9 non-polymer 1-[6-[(4-fluorophenyl)methyl]-3,3-dimethyl-2~{H}-pyrrolo[3,2-b]pyridin-1-yl]-2-[(2~{R},5~{R})-5-methyl-2-[[(3~{R})-3-methylmorpholin-4-yl]methyl]piperazin-4-ium-1-yl]ethanone 'C29 H41 F N5 O2 1'
NA non-polymer 'SODIUM ION' 'Na 1'
ZN non-polymer 'ZINC ION' 'Zn 2'
#
# COMPACT_ATOMS: atom_id res chain seq x y z
N MET A 21 6.29 -13.68 -11.22
CA MET A 21 6.27 -12.22 -11.05
C MET A 21 5.32 -11.50 -12.04
N ASN A 22 4.45 -10.59 -11.51
CA ASN A 22 3.48 -9.80 -12.29
C ASN A 22 3.86 -8.34 -12.26
N PHE A 23 3.69 -7.65 -13.39
CA PHE A 23 3.91 -6.21 -13.47
C PHE A 23 2.91 -5.46 -12.60
N PRO A 24 3.24 -4.27 -12.05
CA PRO A 24 2.22 -3.49 -11.31
C PRO A 24 1.17 -2.87 -12.27
N ASN A 25 -0.12 -2.84 -11.84
CA ASN A 25 -1.15 -2.22 -12.67
C ASN A 25 -1.01 -0.73 -12.55
N SER A 26 -0.75 -0.07 -13.69
CA SER A 26 -0.64 1.38 -13.66
C SER A 26 -1.83 2.07 -14.26
N THR A 27 -2.88 1.31 -14.65
CA THR A 27 -4.09 1.95 -15.20
C THR A 27 -4.96 2.54 -14.12
N ASN A 28 -6.02 3.21 -14.53
CA ASN A 28 -6.97 3.85 -13.64
C ASN A 28 -8.02 2.89 -13.18
N LEU A 29 -7.94 1.66 -13.64
CA LEU A 29 -8.89 0.60 -13.30
C LEU A 29 -8.31 -0.45 -12.33
N PRO A 30 -8.96 -0.71 -11.17
CA PRO A 30 -8.38 -1.64 -10.18
C PRO A 30 -8.17 -3.04 -10.69
N ARG A 31 -7.11 -3.70 -10.24
CA ARG A 31 -6.85 -5.06 -10.65
C ARG A 31 -7.82 -6.02 -9.90
N ASN A 32 -8.11 -5.72 -8.65
CA ASN A 32 -9.01 -6.55 -7.86
C ASN A 32 -10.24 -5.75 -7.44
N PRO A 33 -11.24 -5.54 -8.33
CA PRO A 33 -12.44 -4.79 -7.89
C PRO A 33 -13.25 -5.42 -6.75
N SER A 34 -13.05 -6.74 -6.44
CA SER A 34 -13.71 -7.39 -5.29
C SER A 34 -13.27 -6.74 -3.99
N MET A 35 -12.04 -6.24 -3.96
CA MET A 35 -11.43 -5.55 -2.81
C MET A 35 -11.44 -4.01 -2.95
N ALA A 36 -12.32 -3.45 -3.78
CA ALA A 36 -12.38 -2.00 -4.00
C ALA A 36 -12.92 -1.21 -2.80
N ASP A 37 -13.75 -1.85 -1.96
CA ASP A 37 -14.39 -1.23 -0.80
C ASP A 37 -13.59 -1.47 0.44
N TYR A 38 -13.51 -0.42 1.25
CA TYR A 38 -12.83 -0.48 2.54
C TYR A 38 -13.30 -1.66 3.40
N GLU A 39 -14.63 -1.85 3.52
CA GLU A 39 -15.13 -2.95 4.35
C GLU A 39 -14.69 -4.31 3.83
N ALA A 40 -14.75 -4.53 2.51
CA ALA A 40 -14.31 -5.77 1.89
C ALA A 40 -12.87 -6.13 2.36
N ARG A 41 -11.94 -5.17 2.16
CA ARG A 41 -10.55 -5.23 2.63
C ARG A 41 -10.43 -5.55 4.10
N ILE A 42 -11.24 -4.91 4.97
CA ILE A 42 -11.06 -5.07 6.41
C ILE A 42 -11.37 -6.53 6.83
N PHE A 43 -12.35 -7.18 6.19
CA PHE A 43 -12.70 -8.56 6.46
C PHE A 43 -11.58 -9.55 6.24
N THR A 44 -10.65 -9.24 5.32
CA THR A 44 -9.57 -10.17 4.96
C THR A 44 -8.58 -10.41 6.12
N PHE A 45 -8.40 -9.40 6.99
CA PHE A 45 -7.38 -9.44 8.05
C PHE A 45 -7.70 -10.48 9.15
N GLY A 46 -8.93 -10.45 9.68
CA GLY A 46 -9.34 -11.26 10.82
C GLY A 46 -8.66 -10.76 12.10
N THR A 47 -8.39 -11.64 13.08
CA THR A 47 -7.52 -11.23 14.18
C THR A 47 -6.10 -10.98 13.66
N TRP A 48 -5.61 -9.74 13.82
CA TRP A 48 -4.37 -9.27 13.17
C TRP A 48 -3.33 -8.96 14.24
N ILE A 49 -2.27 -9.77 14.28
CA ILE A 49 -1.33 -9.75 15.40
C ILE A 49 -0.15 -8.84 15.11
N TYR A 50 -0.10 -8.27 13.91
CA TYR A 50 1.12 -7.66 13.39
C TYR A 50 1.27 -6.21 13.84
N SER A 51 2.50 -5.69 13.70
CA SER A 51 2.89 -4.38 14.26
C SER A 51 2.16 -3.21 13.60
N VAL A 52 1.65 -3.42 12.36
CA VAL A 52 0.97 -2.37 11.66
C VAL A 52 -0.55 -2.61 11.64
N ASN A 53 -1.27 -1.53 11.94
CA ASN A 53 -2.70 -1.37 12.10
C ASN A 53 -3.46 -1.78 10.83
N LYS A 54 -4.45 -2.67 10.99
CA LYS A 54 -5.20 -3.18 9.87
C LYS A 54 -6.09 -2.11 9.22
N GLU A 55 -6.69 -1.20 10.01
CA GLU A 55 -7.51 -0.13 9.44
C GLU A 55 -6.65 0.89 8.61
N GLN A 56 -5.44 1.18 9.12
CA GLN A 56 -4.42 1.99 8.45
C GLN A 56 -4.08 1.34 7.12
N LEU A 57 -3.85 0.02 7.10
CA LEU A 57 -3.55 -0.78 5.90
C LEU A 57 -4.71 -0.77 4.93
N ALA A 58 -5.93 -0.98 5.42
CA ALA A 58 -7.10 -1.04 4.56
C ALA A 58 -7.36 0.32 3.90
N ARG A 59 -7.10 1.41 4.65
CA ARG A 59 -7.21 2.78 4.14
C ARG A 59 -6.19 3.07 3.04
N ALA A 60 -4.97 2.48 3.15
CA ALA A 60 -3.95 2.60 2.11
C ALA A 60 -4.22 1.67 0.93
N GLY A 61 -5.40 1.05 0.90
CA GLY A 61 -5.88 0.17 -0.16
C GLY A 61 -5.41 -1.27 -0.10
N PHE A 62 -4.85 -1.69 1.05
CA PHE A 62 -4.38 -3.06 1.24
C PHE A 62 -5.41 -4.01 1.83
N TYR A 63 -5.32 -5.29 1.44
CA TYR A 63 -6.10 -6.39 2.06
C TYR A 63 -5.12 -7.54 2.39
N ALA A 64 -5.43 -8.33 3.44
CA ALA A 64 -4.60 -9.46 3.86
C ALA A 64 -4.68 -10.63 2.91
N LEU A 65 -3.57 -11.35 2.80
CA LEU A 65 -3.56 -12.61 2.08
C LEU A 65 -3.74 -13.83 2.96
N GLY A 66 -3.60 -13.67 4.26
CA GLY A 66 -3.69 -14.78 5.20
C GLY A 66 -2.41 -15.57 5.37
N GLU A 67 -1.30 -15.01 4.89
CA GLU A 67 0.02 -15.63 4.90
C GLU A 67 1.00 -14.64 5.57
N GLY A 68 1.22 -14.79 6.87
CA GLY A 68 1.93 -13.78 7.64
C GLY A 68 1.36 -12.38 7.48
N ASP A 69 2.21 -11.36 7.39
CA ASP A 69 1.70 -10.00 7.19
C ASP A 69 1.80 -9.56 5.71
N LYS A 70 1.64 -10.51 4.79
CA LYS A 70 1.51 -10.23 3.35
C LYS A 70 0.20 -9.47 3.05
N VAL A 71 0.34 -8.25 2.51
CA VAL A 71 -0.79 -7.51 1.94
C VAL A 71 -0.59 -7.21 0.45
N LYS A 72 -1.71 -6.99 -0.27
CA LYS A 72 -1.72 -6.68 -1.70
C LYS A 72 -2.61 -5.47 -1.83
N CYS A 73 -2.21 -4.46 -2.63
CA CYS A 73 -3.11 -3.35 -2.99
C CYS A 73 -4.13 -3.84 -4.02
N PHE A 74 -5.40 -3.54 -3.77
CA PHE A 74 -6.52 -3.91 -4.64
C PHE A 74 -6.41 -3.27 -6.02
N HIS A 75 -5.71 -2.11 -6.11
CA HIS A 75 -5.71 -1.37 -7.36
C HIS A 75 -4.49 -1.70 -8.19
N CYS A 76 -3.28 -1.47 -7.70
CA CYS A 76 -2.05 -1.80 -8.44
C CYS A 76 -1.72 -3.28 -8.41
N GLY A 77 -2.25 -4.03 -7.46
CA GLY A 77 -1.87 -5.42 -7.23
C GLY A 77 -0.60 -5.58 -6.42
N GLY A 78 -0.02 -4.47 -5.98
CA GLY A 78 1.29 -4.43 -5.36
C GLY A 78 1.34 -5.02 -3.97
N GLY A 79 2.33 -5.90 -3.78
CA GLY A 79 2.46 -6.72 -2.58
C GLY A 79 3.59 -6.33 -1.66
N LEU A 80 3.29 -6.31 -0.36
CA LEU A 80 4.24 -5.95 0.67
C LEU A 80 4.20 -6.97 1.79
N THR A 81 5.32 -7.07 2.54
CA THR A 81 5.48 -8.03 3.65
C THR A 81 6.41 -7.48 4.75
N ASP A 82 6.49 -8.19 5.87
CA ASP A 82 7.49 -7.95 6.93
C ASP A 82 7.46 -6.51 7.46
N TRP A 83 6.25 -6.08 7.84
CA TRP A 83 5.93 -4.76 8.42
C TRP A 83 6.64 -4.55 9.75
N LYS A 84 7.64 -3.67 9.76
CA LYS A 84 8.26 -3.16 11.00
C LYS A 84 7.36 -2.08 11.60
N PRO A 85 7.32 -1.87 12.94
CA PRO A 85 6.33 -0.92 13.50
C PRO A 85 6.57 0.51 13.02
N SER A 86 7.82 0.82 12.60
CA SER A 86 8.24 2.10 12.02
C SER A 86 7.74 2.34 10.57
N GLU A 87 7.22 1.32 9.90
CA GLU A 87 6.85 1.42 8.49
C GLU A 87 5.43 1.85 8.30
N ASP A 88 5.22 2.87 7.45
CA ASP A 88 3.90 3.41 7.17
C ASP A 88 3.32 2.83 5.88
N PRO A 89 2.07 2.33 5.95
CA PRO A 89 1.40 1.84 4.72
C PRO A 89 1.42 2.77 3.51
N TRP A 90 1.02 4.02 3.61
CA TRP A 90 1.02 4.92 2.41
C TRP A 90 2.44 5.15 1.90
N GLU A 91 3.39 5.40 2.81
CA GLU A 91 4.82 5.53 2.52
C GLU A 91 5.41 4.34 1.77
N GLN A 92 5.13 3.09 2.28
CA GLN A 92 5.56 1.86 1.64
C GLN A 92 4.88 1.64 0.29
N HIS A 93 3.59 1.96 0.21
CA HIS A 93 2.81 1.97 -1.02
C HIS A 93 3.50 2.83 -2.07
N ALA A 94 3.81 4.11 -1.72
CA ALA A 94 4.53 5.01 -2.60
C ALA A 94 5.94 4.52 -2.92
N LYS A 95 6.64 3.95 -1.95
CA LYS A 95 8.02 3.50 -2.16
C LYS A 95 8.08 2.43 -3.26
N TRP A 96 7.26 1.37 -3.11
CA TRP A 96 7.35 0.20 -3.93
C TRP A 96 6.43 0.22 -5.13
N TYR A 97 5.31 0.95 -5.04
CA TYR A 97 4.37 1.02 -6.15
C TYR A 97 4.04 2.42 -6.54
N PRO A 98 5.08 3.22 -6.99
CA PRO A 98 4.85 4.63 -7.31
C PRO A 98 3.87 4.94 -8.46
N GLY A 99 3.57 3.94 -9.30
CA GLY A 99 2.68 4.11 -10.44
C GLY A 99 1.19 3.85 -10.17
N CYS A 100 0.83 3.56 -8.90
CA CYS A 100 -0.51 3.23 -8.50
C CYS A 100 -1.45 4.41 -8.60
N LYS A 101 -2.54 4.26 -9.33
CA LYS A 101 -3.45 5.38 -9.56
C LYS A 101 -4.33 5.67 -8.37
N TYR A 102 -4.58 4.66 -7.56
CA TYR A 102 -5.26 4.78 -6.28
C TYR A 102 -4.47 5.66 -5.30
N LEU A 103 -3.18 5.32 -5.11
CA LEU A 103 -2.17 6.11 -4.39
C LEU A 103 -2.18 7.58 -4.85
N LEU A 104 -2.11 7.83 -6.16
CA LEU A 104 -2.13 9.17 -6.71
C LEU A 104 -3.45 9.85 -6.42
N GLU A 105 -4.56 9.12 -6.46
CA GLU A 105 -5.84 9.73 -6.18
C GLU A 105 -5.97 10.21 -4.73
N GLN A 106 -5.66 9.35 -3.76
CA GLN A 106 -5.86 9.60 -2.35
C GLN A 106 -4.87 10.57 -1.78
N LYS A 107 -3.60 10.49 -2.25
CA LYS A 107 -2.51 11.23 -1.61
C LYS A 107 -2.04 12.47 -2.36
N GLY A 108 -2.06 12.41 -3.68
CA GLY A 108 -1.60 13.51 -4.53
C GLY A 108 -0.14 13.39 -4.90
N GLN A 109 0.28 14.09 -5.99
CA GLN A 109 1.65 13.92 -6.55
C GLN A 109 2.68 14.65 -5.65
N GLU A 110 2.29 15.76 -5.02
CA GLU A 110 3.14 16.46 -4.06
CA GLU A 110 3.14 16.46 -4.06
C GLU A 110 3.60 15.53 -2.90
N TYR A 111 2.65 14.76 -2.29
CA TYR A 111 2.92 13.74 -1.26
C TYR A 111 3.86 12.68 -1.77
N ILE A 112 3.62 12.24 -3.00
CA ILE A 112 4.32 11.07 -3.53
C ILE A 112 5.78 11.45 -3.73
N ASN A 113 5.99 12.64 -4.31
CA ASN A 113 7.29 13.30 -4.50
C ASN A 113 8.06 13.39 -3.25
N ASN A 114 7.46 14.03 -2.18
CA ASN A 114 8.05 14.13 -0.85
CA ASN A 114 8.05 14.12 -0.82
C ASN A 114 8.59 12.78 -0.40
N ILE A 115 7.76 11.72 -0.52
CA ILE A 115 8.13 10.39 -0.04
C ILE A 115 9.35 9.85 -0.82
N HIS A 116 9.36 10.06 -2.14
CA HIS A 116 10.44 9.56 -2.98
C HIS A 116 11.71 10.25 -2.62
N LEU A 117 11.65 11.59 -2.55
CA LEU A 117 12.80 12.38 -2.12
C LEU A 117 13.33 11.93 -0.76
N THR A 118 12.44 11.73 0.23
CA THR A 118 12.80 11.30 1.58
C THR A 118 13.52 9.95 1.53
N HIS A 119 13.03 8.99 0.72
CA HIS A 119 13.58 7.65 0.64
C HIS A 119 14.93 7.62 -0.05
N SER A 120 14.96 8.23 -1.24
CA SER A 120 16.16 8.46 -2.01
C SER A 120 17.20 9.24 -1.21
N LEU A 121 16.79 10.23 -0.39
CA LEU A 121 17.72 10.93 0.51
C LEU A 121 18.19 10.06 1.66
N GLU A 122 17.28 9.28 2.28
CA GLU A 122 17.59 8.34 3.38
C GLU A 122 18.83 7.49 3.10
N GLU A 123 18.94 7.01 1.83
CA GLU A 123 20.08 6.26 1.29
C GLU A 123 21.42 6.98 1.48
N CYS A 124 21.52 8.26 1.00
CA CYS A 124 22.70 9.12 1.21
C CYS A 124 23.24 8.87 2.62
N LEU A 125 22.47 9.21 3.68
CA LEU A 125 22.92 9.02 5.07
C LEU A 125 23.01 7.52 5.43
ZN ZN B . -1.71 0.45 -5.27
NA NA C . -6.46 -13.70 9.35
C1 7H9 D . 6.32 -2.92 4.56
C2 7H9 D . 7.73 -3.15 4.09
C3 7H9 D . 7.76 -3.79 2.72
N4 7H9 D . 9.14 -4.12 2.30
C5 7H9 D . 9.18 -4.44 0.88
C6 7H9 D . 8.42 -5.69 0.46
C10 7H9 D . 9.24 -6.04 -3.12
C11 7H9 D . 8.38 -5.17 -4.02
C12 7H9 D . 10.58 -6.28 -3.79
C13 7H9 D . 8.57 -7.31 -2.75
C15 7H9 D . 7.73 -9.43 -2.97
C16 7H9 D . 7.25 -9.47 -1.68
C19 7H9 D . 4.22 -9.92 -0.51
C21 7H9 D . 2.33 -10.51 -1.78
C23 7H9 D . 3.09 -11.20 -2.67
C24 7H9 D . 4.45 -11.26 -2.46
C25 7H9 D . 7.44 -8.34 -0.88
C26 7H9 D . 8.12 -7.25 -1.42
C27 7H9 D . 9.80 -5.03 3.26
C28 7H9 D . 11.22 -5.51 2.92
C31 7H9 D . 10.62 -8.85 1.31
C35 7H9 D . 13.15 -5.52 0.69
C36 7H9 D . 9.83 -4.34 4.60
O7 7H9 D . 7.80 -6.36 1.27
N8 7H9 D . 8.48 -6.03 -0.85
C9 7H9 D . 9.43 -5.34 -1.74
N14 7H9 D . 8.37 -8.38 -3.51
C17 7H9 D . 6.53 -10.68 -1.14
C18 7H9 D . 5.04 -10.61 -1.38
C20 7H9 D . 2.85 -9.85 -0.71
F22 7H9 D . 0.98 -10.45 -1.97
N29 7H9 D . 11.25 -6.59 1.91
C30 7H9 D . 10.78 -7.88 2.44
O32 7H9 D . 11.86 -9.09 0.66
C33 7H9 D . 12.41 -7.86 0.19
C34 7H9 D . 12.56 -6.79 1.27
N37 7H9 D . 8.45 -4.04 5.07
H39 7H9 D . 5.66 -2.72 3.72
H40 7H9 D . 6.25 -2.06 5.22
H38 7H9 D . 5.89 -3.78 5.07
H41 7H9 D . 8.25 -2.20 4.09
H43 7H9 D . 7.02 -4.59 2.70
H42 7H9 D . 7.34 -3.06 2.04
H44 7H9 D . 8.76 -3.58 0.34
H45 7H9 D . 10.23 -4.46 0.59
H48 7H9 D . 7.91 -5.76 -4.81
H49 7H9 D . 8.97 -4.39 -4.50
H50 7H9 D . 7.56 -4.68 -3.48
H53 7H9 D . 10.41 -6.52 -4.84
H51 7H9 D . 11.13 -7.11 -3.35
H52 7H9 D . 11.22 -5.40 -3.76
H54 7H9 D . 7.59 -10.26 -3.65
H57 7H9 D . 4.67 -9.41 0.35
H59 7H9 D . 2.64 -11.71 -3.51
H60 7H9 D . 5.08 -11.82 -3.15
H61 7H9 D . 7.09 -8.36 0.14
H62 7H9 D . 9.17 -5.90 3.43
H64 7H9 D . 11.77 -4.63 2.58
H63 7H9 D . 11.74 -5.82 3.82
H67 7H9 D . 10.31 -9.84 1.65
H68 7H9 D . 9.85 -8.52 0.60
H73 7H9 D . 13.78 -5.75 -0.18
H74 7H9 D . 13.79 -4.99 1.39
H72 7H9 D . 12.39 -4.82 0.31
H75 7H9 D . 10.40 -3.41 4.53
H76 7H9 D . 10.33 -4.94 5.35
H47 7H9 D . 9.24 -4.27 -1.81
H46 7H9 D . 10.47 -5.43 -1.41
H55 7H9 D . 6.94 -11.58 -1.61
H56 7H9 D . 6.72 -10.80 -0.08
H58 7H9 D . 2.21 -9.30 -0.02
H66 7H9 D . 11.45 -8.31 3.20
H65 7H9 D . 9.83 -7.80 2.95
H70 7H9 D . 11.84 -7.47 -0.66
H69 7H9 D . 13.37 -8.15 -0.20
H71 7H9 D . 13.29 -7.17 1.98
H78 7H9 D . 7.93 -4.91 5.15
H77 7H9 D . 8.46 -3.63 5.99
#